data_7O2G
#
_entry.id   7O2G
#
_cell.length_a   71.900
_cell.length_b   71.900
_cell.length_c   154.555
_cell.angle_alpha   90.000
_cell.angle_beta   90.000
_cell.angle_gamma   90.000
#
_symmetry.space_group_name_H-M   'P 41 21 2'
#
loop_
_entity.id
_entity.type
_entity.pdbx_description
1 polymer Peroxygenase
2 non-polymer 'PROTOPORPHYRIN IX CONTAINING FE'
3 non-polymer 2-acetamido-2-deoxy-beta-D-glucopyranose
4 non-polymer 'DIMETHYL SULFOXIDE'
5 non-polymer ethenylbenzene
6 non-polymer 'MAGNESIUM ION'
7 water water
#
_entity_poly.entity_id   1
_entity_poly.type   'polypeptide(L)'
_entity_poly.pdbx_seq_one_letter_code
;MKSLSFSLALGFGSTLVYSAPSPSSGWQAPGPNDVRAPCPMLNTLANHGFLPHDGKGITVNKTIDALGSALNIDANLSTL
LFGFAATTNPQPNATFFDLDHLSRHNILEHDASLSRQDSYFGPADVFNEAVFNQTKSFWTGDIIDVQMAANARIVRLLTS
NLTNPEYSLSDLGSAFSIGESAAYIGILGDKKSATVPKSWVEYLFENERLPYELGFKRPNDPFTTDDLGDLSTQIINAQH
FPQSPGKVEKRGDTRCPYGYH
;
_entity_poly.pdbx_strand_id   A
#
# COMPACT_ATOMS: atom_id res chain seq x y z
N SER A 25 19.78 -13.73 -6.60
CA SER A 25 20.80 -12.86 -5.91
C SER A 25 20.16 -11.54 -5.53
N GLY A 26 19.75 -11.43 -4.27
CA GLY A 26 19.12 -10.21 -3.73
C GLY A 26 17.61 -10.30 -3.68
N TRP A 27 17.01 -11.31 -4.30
CA TRP A 27 15.55 -11.54 -4.32
C TRP A 27 15.22 -13.02 -4.47
N GLN A 28 14.22 -13.49 -3.72
CA GLN A 28 13.69 -14.86 -3.78
C GLN A 28 12.17 -14.85 -3.55
N ALA A 29 11.44 -15.55 -4.41
CA ALA A 29 9.98 -15.74 -4.31
C ALA A 29 9.65 -16.45 -3.01
N PRO A 30 8.44 -16.25 -2.45
CA PRO A 30 8.04 -16.95 -1.23
C PRO A 30 7.95 -18.46 -1.51
N GLY A 31 8.44 -19.27 -0.58
CA GLY A 31 8.39 -20.75 -0.64
C GLY A 31 7.20 -21.28 0.15
N PRO A 32 7.14 -22.58 0.47
CA PRO A 32 5.87 -23.19 0.85
C PRO A 32 5.33 -22.71 2.22
N ASN A 33 6.20 -22.40 3.19
CA ASN A 33 5.82 -22.02 4.58
C ASN A 33 5.93 -20.51 4.84
N ASP A 34 6.21 -19.70 3.83
CA ASP A 34 6.46 -18.23 3.99
C ASP A 34 5.08 -17.56 3.99
N VAL A 35 4.83 -16.60 4.87
CA VAL A 35 3.51 -15.88 4.84
C VAL A 35 3.72 -14.48 4.22
N ARG A 36 2.69 -13.97 3.56
CA ARG A 36 2.69 -12.70 2.81
C ARG A 36 1.42 -11.92 3.16
N ALA A 37 1.38 -10.64 2.81
CA ALA A 37 0.37 -9.67 3.25
C ALA A 37 -0.40 -9.13 2.05
N PRO A 38 -1.49 -8.36 2.26
CA PRO A 38 -2.14 -7.67 1.16
C PRO A 38 -1.35 -6.43 0.75
N CYS A 39 -0.21 -6.18 1.41
CA CYS A 39 0.64 -5.00 1.14
C CYS A 39 1.72 -5.40 0.14
N PRO A 40 1.71 -4.80 -1.08
CA PRO A 40 2.72 -5.09 -2.10
C PRO A 40 4.13 -4.70 -1.66
N MET A 41 4.25 -3.68 -0.81
CA MET A 41 5.59 -3.16 -0.42
C MET A 41 6.21 -4.08 0.63
N LEU A 42 5.48 -4.49 1.66
CA LEU A 42 6.01 -5.39 2.71
C LEU A 42 6.36 -6.73 2.07
N ASN A 43 5.51 -7.19 1.16
CA ASN A 43 5.78 -8.44 0.42
C ASN A 43 7.12 -8.33 -0.33
N THR A 44 7.32 -7.18 -0.96
CA THR A 44 8.55 -6.83 -1.70
C THR A 44 9.75 -6.83 -0.75
N LEU A 45 9.62 -6.25 0.44
CA LEU A 45 10.78 -6.13 1.35
C LEU A 45 11.12 -7.52 1.94
N ALA A 46 10.13 -8.39 2.10
CA ALA A 46 10.31 -9.79 2.53
C ALA A 46 10.98 -10.60 1.40
N ASN A 47 10.61 -10.33 0.15
CA ASN A 47 11.17 -11.10 -1.00
C ASN A 47 12.64 -10.72 -1.15
N HIS A 48 13.00 -9.49 -0.79
CA HIS A 48 14.41 -9.02 -0.87
C HIS A 48 15.17 -9.33 0.44
N GLY A 49 14.46 -9.69 1.51
CA GLY A 49 15.11 -9.98 2.80
C GLY A 49 15.44 -8.73 3.59
N PHE A 50 14.87 -7.57 3.28
CA PHE A 50 14.88 -6.41 4.20
C PHE A 50 14.10 -6.76 5.47
N LEU A 51 12.98 -7.46 5.30
CA LEU A 51 12.26 -8.14 6.40
C LEU A 51 12.58 -9.63 6.34
N PRO A 52 12.27 -10.39 7.42
CA PRO A 52 12.46 -11.83 7.40
C PRO A 52 11.70 -12.42 6.21
N HIS A 53 12.39 -13.22 5.41
CA HIS A 53 11.88 -13.83 4.15
C HIS A 53 10.61 -14.63 4.42
N ASP A 54 10.46 -15.21 5.60
CA ASP A 54 9.27 -16.05 5.89
C ASP A 54 8.08 -15.18 6.34
N GLY A 55 8.28 -13.89 6.62
CA GLY A 55 7.21 -12.93 6.93
C GLY A 55 6.69 -13.07 8.35
N LYS A 56 7.50 -13.62 9.27
CA LYS A 56 7.07 -13.89 10.67
C LYS A 56 7.97 -13.13 11.66
N GLY A 57 7.41 -12.79 12.82
CA GLY A 57 8.15 -12.24 13.97
C GLY A 57 8.70 -10.85 13.72
N ILE A 58 7.93 -10.00 13.06
CA ILE A 58 8.36 -8.62 12.75
C ILE A 58 8.10 -7.74 13.97
N THR A 59 9.17 -7.20 14.54
CA THR A 59 9.17 -6.34 15.75
C THR A 59 9.32 -4.88 15.30
N VAL A 60 9.21 -3.93 16.22
CA VAL A 60 9.31 -2.48 15.89
C VAL A 60 10.73 -2.18 15.39
N ASN A 61 11.74 -2.85 15.97
CA ASN A 61 13.16 -2.56 15.63
C ASN A 61 13.38 -3.13 14.21
N LYS A 62 12.79 -4.28 13.83
CA LYS A 62 12.96 -4.83 12.45
C LYS A 62 12.26 -3.91 11.44
N THR A 63 11.06 -3.44 11.76
CA THR A 63 10.28 -2.47 10.94
C THR A 63 11.09 -1.19 10.67
N ILE A 64 11.52 -0.46 11.70
CA ILE A 64 12.33 0.78 11.53
C ILE A 64 13.50 0.52 10.57
N ASP A 65 14.20 -0.60 10.74
CA ASP A 65 15.47 -0.93 10.04
C ASP A 65 15.21 -1.33 8.59
N ALA A 66 14.14 -2.07 8.31
CA ALA A 66 13.75 -2.50 6.94
C ALA A 66 13.32 -1.27 6.15
N LEU A 67 12.36 -0.51 6.68
CA LEU A 67 11.82 0.68 5.97
C LEU A 67 12.92 1.75 5.86
N GLY A 68 13.76 1.92 6.87
CA GLY A 68 14.96 2.78 6.77
C GLY A 68 15.91 2.32 5.69
N SER A 69 16.34 1.06 5.75
CA SER A 69 17.40 0.56 4.86
C SER A 69 16.96 0.56 3.40
N ALA A 70 15.76 0.08 3.07
CA ALA A 70 15.27 -0.09 1.67
C ALA A 70 14.73 1.22 1.07
N LEU A 71 14.00 2.04 1.86
CA LEU A 71 13.14 3.12 1.30
C LEU A 71 13.47 4.49 1.91
N ASN A 72 14.19 4.53 3.02
CA ASN A 72 14.56 5.78 3.72
C ASN A 72 13.29 6.38 4.33
N ILE A 73 12.41 5.54 4.85
CA ILE A 73 11.27 5.99 5.71
C ILE A 73 11.84 6.34 7.09
N ASP A 74 11.48 7.51 7.62
CA ASP A 74 11.88 7.97 8.98
C ASP A 74 11.32 7.01 10.05
N ALA A 75 12.01 6.91 11.17
CA ALA A 75 11.70 6.10 12.35
C ALA A 75 10.33 6.45 12.97
N ASN A 76 9.97 7.74 13.06
CA ASN A 76 8.67 8.19 13.63
C ASN A 76 7.55 7.53 12.80
N LEU A 77 7.67 7.52 11.47
CA LEU A 77 6.59 6.96 10.61
C LEU A 77 6.60 5.41 10.65
N SER A 78 7.77 4.77 10.60
CA SER A 78 7.90 3.30 10.77
C SER A 78 7.26 2.88 12.11
N THR A 79 7.49 3.64 13.19
CA THR A 79 6.97 3.31 14.55
C THR A 79 5.44 3.38 14.53
N LEU A 80 4.88 4.43 13.94
CA LEU A 80 3.41 4.63 13.78
C LEU A 80 2.78 3.44 13.03
N LEU A 81 3.31 3.10 11.86
CA LEU A 81 2.80 1.99 11.04
C LEU A 81 2.89 0.67 11.82
N PHE A 82 4.00 0.42 12.51
CA PHE A 82 4.16 -0.78 13.37
C PHE A 82 3.04 -0.80 14.41
N GLY A 83 2.69 0.35 15.00
CA GLY A 83 1.56 0.48 15.94
C GLY A 83 0.30 -0.19 15.40
N PHE A 84 -0.04 0.09 14.15
CA PHE A 84 -1.30 -0.41 13.53
C PHE A 84 -1.14 -1.90 13.25
N ALA A 85 0.02 -2.28 12.71
CA ALA A 85 0.28 -3.66 12.26
C ALA A 85 0.18 -4.57 13.50
N ALA A 86 0.65 -4.10 14.65
CA ALA A 86 0.68 -4.90 15.90
C ALA A 86 -0.77 -5.19 16.34
N THR A 87 -1.72 -4.28 16.08
CA THR A 87 -3.16 -4.49 16.44
C THR A 87 -3.79 -5.61 15.60
N THR A 88 -3.15 -6.13 14.56
CA THR A 88 -3.76 -7.21 13.75
C THR A 88 -3.36 -8.58 14.30
N ASN A 89 -2.41 -8.67 15.21
CA ASN A 89 -1.96 -9.96 15.81
C ASN A 89 -3.08 -10.49 16.73
N PRO A 90 -3.60 -11.73 16.55
CA PRO A 90 -4.74 -12.17 17.38
C PRO A 90 -4.43 -12.09 18.88
N GLN A 91 -3.20 -12.41 19.33
CA GLN A 91 -2.75 -12.18 20.72
C GLN A 91 -2.86 -10.70 21.10
N PRO A 92 -3.40 -10.38 22.29
CA PRO A 92 -3.61 -8.98 22.68
C PRO A 92 -2.30 -8.31 23.08
N ASN A 93 -2.28 -6.97 23.17
CA ASN A 93 -1.09 -6.13 23.49
C ASN A 93 0.19 -6.79 22.95
N ALA A 94 0.24 -7.12 21.66
CA ALA A 94 1.34 -7.88 21.01
C ALA A 94 2.52 -6.96 20.68
N THR A 95 3.76 -7.47 20.72
CA THR A 95 4.99 -6.70 20.34
C THR A 95 5.58 -7.20 19.00
N PHE A 96 4.89 -8.07 18.29
CA PHE A 96 5.26 -8.46 16.90
C PHE A 96 3.99 -8.70 16.08
N PHE A 97 4.16 -8.84 14.77
CA PHE A 97 3.13 -9.37 13.85
C PHE A 97 3.81 -10.21 12.76
N ASP A 98 3.00 -10.99 12.09
CA ASP A 98 3.37 -11.77 10.90
C ASP A 98 2.68 -11.11 9.71
N LEU A 99 3.22 -11.25 8.50
CA LEU A 99 2.64 -10.62 7.30
C LEU A 99 1.18 -11.06 7.13
N ASP A 100 0.83 -12.30 7.50
CA ASP A 100 -0.53 -12.82 7.19
C ASP A 100 -1.56 -12.28 8.20
N HIS A 101 -1.17 -11.85 9.39
CA HIS A 101 -2.06 -11.13 10.36
C HIS A 101 -2.71 -9.93 9.67
N LEU A 102 -1.96 -9.25 8.80
CA LEU A 102 -2.43 -8.02 8.09
C LEU A 102 -3.62 -8.30 7.18
N SER A 103 -3.86 -9.56 6.79
CA SER A 103 -4.94 -9.94 5.82
C SER A 103 -6.31 -9.99 6.50
N ARG A 104 -6.37 -9.87 7.82
CA ARG A 104 -7.63 -9.99 8.61
C ARG A 104 -8.57 -8.85 8.19
N HIS A 105 -9.71 -9.23 7.61
CA HIS A 105 -10.70 -8.32 7.00
C HIS A 105 -11.13 -7.27 8.01
N ASN A 106 -11.09 -6.00 7.59
CA ASN A 106 -11.64 -4.83 8.33
C ASN A 106 -10.87 -4.56 9.62
N ILE A 107 -9.63 -4.99 9.77
CA ILE A 107 -8.77 -4.32 10.78
C ILE A 107 -7.96 -3.24 10.07
N LEU A 108 -6.96 -3.60 9.25
CA LEU A 108 -6.31 -2.68 8.29
C LEU A 108 -6.73 -3.01 6.86
N GLU A 109 -6.84 -4.30 6.52
CA GLU A 109 -7.23 -4.76 5.16
C GLU A 109 -8.64 -4.22 4.89
N HIS A 110 -8.86 -3.63 3.72
CA HIS A 110 -10.16 -2.98 3.40
C HIS A 110 -10.57 -3.32 1.96
N ASP A 111 -11.85 -3.16 1.67
CA ASP A 111 -12.40 -3.21 0.30
C ASP A 111 -11.85 -2.05 -0.54
N ALA A 112 -12.05 -2.15 -1.84
CA ALA A 112 -11.68 -1.14 -2.84
C ALA A 112 -10.16 -0.98 -2.85
N SER A 113 -9.44 -2.09 -2.75
CA SER A 113 -7.98 -2.14 -2.97
C SER A 113 -7.71 -1.98 -4.48
N LEU A 114 -6.53 -1.47 -4.85
CA LEU A 114 -6.07 -1.23 -6.26
C LEU A 114 -5.63 -2.52 -6.96
N SER A 115 -5.12 -3.52 -6.24
CA SER A 115 -4.51 -4.73 -6.84
C SER A 115 -5.09 -6.03 -6.27
N ARG A 116 -6.06 -5.94 -5.36
CA ARG A 116 -6.66 -7.12 -4.71
C ARG A 116 -8.19 -7.00 -4.81
N GLN A 117 -8.86 -8.14 -4.81
CA GLN A 117 -10.34 -8.22 -4.75
C GLN A 117 -10.80 -8.03 -3.30
N ASP A 118 -12.08 -7.75 -3.14
CA ASP A 118 -12.75 -7.65 -1.83
C ASP A 118 -12.89 -9.08 -1.28
N SER A 119 -12.70 -9.28 0.04
CA SER A 119 -12.84 -10.58 0.75
C SER A 119 -14.13 -11.29 0.31
N TYR A 120 -15.17 -10.51 0.05
CA TYR A 120 -16.49 -11.07 -0.30
C TYR A 120 -16.33 -12.00 -1.50
N PHE A 121 -15.49 -11.64 -2.47
CA PHE A 121 -15.39 -12.38 -3.76
C PHE A 121 -14.39 -13.53 -3.60
N GLY A 122 -13.40 -13.35 -2.73
CA GLY A 122 -12.26 -14.26 -2.62
C GLY A 122 -11.14 -13.68 -1.79
N PRO A 123 -10.03 -14.42 -1.63
CA PRO A 123 -8.93 -14.01 -0.77
C PRO A 123 -8.40 -12.61 -1.12
N ALA A 124 -8.40 -11.71 -0.14
CA ALA A 124 -8.09 -10.27 -0.32
C ALA A 124 -6.60 -9.98 -0.18
N ASP A 125 -5.74 -11.01 -0.21
CA ASP A 125 -4.29 -10.86 0.09
C ASP A 125 -3.46 -10.95 -1.21
N VAL A 126 -3.85 -11.75 -2.20
CA VAL A 126 -2.99 -11.97 -3.41
C VAL A 126 -3.36 -11.01 -4.54
N PHE A 127 -2.35 -10.69 -5.36
CA PHE A 127 -2.43 -9.88 -6.59
C PHE A 127 -3.56 -10.43 -7.43
N ASN A 128 -4.49 -9.58 -7.88
CA ASN A 128 -5.64 -9.98 -8.74
C ASN A 128 -5.55 -9.20 -10.04
N GLU A 129 -5.37 -9.90 -11.17
CA GLU A 129 -5.06 -9.28 -12.48
C GLU A 129 -6.27 -8.45 -12.96
N ALA A 130 -7.50 -8.89 -12.70
CA ALA A 130 -8.73 -8.25 -13.21
C ALA A 130 -8.81 -6.86 -12.57
N VAL A 131 -8.62 -6.81 -11.27
CA VAL A 131 -8.70 -5.57 -10.47
C VAL A 131 -7.57 -4.63 -10.89
N PHE A 132 -6.35 -5.14 -10.96
CA PHE A 132 -5.18 -4.31 -11.32
C PHE A 132 -5.36 -3.73 -12.72
N ASN A 133 -6.01 -4.45 -13.63
CA ASN A 133 -6.29 -3.96 -15.01
C ASN A 133 -7.20 -2.71 -14.94
N GLN A 134 -8.16 -2.68 -14.03
CA GLN A 134 -9.03 -1.51 -13.83
C GLN A 134 -8.14 -0.32 -13.40
N THR A 135 -7.33 -0.51 -12.36
CA THR A 135 -6.43 0.53 -11.83
C THR A 135 -5.52 1.10 -12.94
N LYS A 136 -4.78 0.25 -13.63
CA LYS A 136 -3.89 0.63 -14.75
C LYS A 136 -4.58 1.53 -15.76
N SER A 137 -5.81 1.22 -16.15
CA SER A 137 -6.61 1.94 -17.17
C SER A 137 -6.82 3.43 -16.78
N PHE A 138 -6.73 3.78 -15.49
CA PHE A 138 -6.78 5.19 -15.00
C PHE A 138 -5.38 5.81 -14.88
N TRP A 139 -4.30 5.08 -15.17
CA TRP A 139 -2.94 5.67 -15.26
C TRP A 139 -2.63 5.96 -16.74
N THR A 140 -3.11 7.10 -17.23
CA THR A 140 -3.24 7.45 -18.66
C THR A 140 -2.08 8.35 -19.07
N GLY A 141 -0.88 7.81 -19.16
CA GLY A 141 0.39 8.55 -19.18
C GLY A 141 1.55 7.69 -18.67
N ASP A 142 2.76 7.91 -19.16
CA ASP A 142 3.99 7.23 -18.69
C ASP A 142 4.37 7.65 -17.26
N ILE A 143 4.01 8.86 -16.86
CA ILE A 143 4.25 9.37 -15.48
C ILE A 143 2.90 9.47 -14.77
N ILE A 144 2.77 8.77 -13.65
CA ILE A 144 1.57 8.87 -12.76
C ILE A 144 1.76 10.14 -11.93
N ASP A 145 0.78 11.03 -11.99
CA ASP A 145 0.75 12.23 -11.12
C ASP A 145 -0.38 12.04 -10.09
N VAL A 146 -0.52 13.00 -9.18
CA VAL A 146 -1.57 12.98 -8.12
C VAL A 146 -2.95 12.78 -8.76
N GLN A 147 -3.22 13.41 -9.90
CA GLN A 147 -4.58 13.37 -10.47
C GLN A 147 -4.90 11.92 -10.88
N MET A 148 -3.97 11.24 -11.57
CA MET A 148 -4.22 9.85 -12.02
C MET A 148 -4.40 8.95 -10.79
N ALA A 149 -3.59 9.14 -9.77
CA ALA A 149 -3.67 8.33 -8.54
C ALA A 149 -5.06 8.49 -7.91
N ALA A 150 -5.51 9.75 -7.76
CA ALA A 150 -6.80 10.13 -7.16
C ALA A 150 -7.92 9.46 -7.95
N ASN A 151 -7.79 9.45 -9.27
CA ASN A 151 -8.84 8.97 -10.20
C ASN A 151 -8.95 7.45 -10.05
N ALA A 152 -7.85 6.72 -10.03
CA ALA A 152 -7.88 5.24 -9.88
C ALA A 152 -8.52 4.86 -8.53
N ARG A 153 -8.12 5.53 -7.45
CA ARG A 153 -8.66 5.16 -6.12
C ARG A 153 -10.18 5.28 -6.20
N ILE A 154 -10.67 6.39 -6.75
CA ILE A 154 -12.11 6.77 -6.74
C ILE A 154 -12.90 5.70 -7.50
N VAL A 155 -12.44 5.29 -8.65
CA VAL A 155 -13.19 4.28 -9.45
C VAL A 155 -13.24 2.92 -8.73
N ARG A 156 -12.25 2.60 -7.90
CA ARG A 156 -12.27 1.32 -7.13
C ARG A 156 -13.34 1.44 -6.01
N LEU A 157 -13.42 2.59 -5.34
CA LEU A 157 -14.46 2.80 -4.29
C LEU A 157 -15.85 2.63 -4.91
N LEU A 158 -16.10 3.27 -6.04
CA LEU A 158 -17.42 3.30 -6.70
C LEU A 158 -17.73 1.90 -7.25
N THR A 159 -16.77 1.27 -7.90
CA THR A 159 -16.96 -0.11 -8.42
C THR A 159 -17.30 -1.06 -7.25
N SER A 160 -16.57 -0.99 -6.14
CA SER A 160 -16.83 -1.92 -5.01
C SER A 160 -18.22 -1.66 -4.42
N ASN A 161 -18.63 -0.41 -4.35
CA ASN A 161 -19.93 -0.10 -3.73
C ASN A 161 -21.03 -0.71 -4.62
N LEU A 162 -20.91 -0.66 -5.95
CA LEU A 162 -21.98 -1.11 -6.86
C LEU A 162 -21.90 -2.62 -7.19
N THR A 163 -20.84 -3.35 -6.84
CA THR A 163 -20.71 -4.80 -7.16
C THR A 163 -20.65 -5.67 -5.90
N ASN A 164 -20.35 -5.10 -4.73
CA ASN A 164 -20.13 -5.88 -3.50
C ASN A 164 -21.24 -5.59 -2.49
N PRO A 165 -22.23 -6.50 -2.32
CA PRO A 165 -23.35 -6.24 -1.42
C PRO A 165 -22.94 -6.09 0.06
N GLU A 166 -21.73 -6.50 0.42
CA GLU A 166 -21.16 -6.39 1.78
C GLU A 166 -20.07 -5.32 1.83
N TYR A 167 -20.02 -4.42 0.87
CA TYR A 167 -19.03 -3.32 0.83
C TYR A 167 -19.12 -2.52 2.12
N SER A 168 -17.97 -2.21 2.71
CA SER A 168 -17.83 -1.36 3.92
C SER A 168 -16.47 -0.69 3.86
N LEU A 169 -16.33 0.42 4.54
CA LEU A 169 -15.06 1.18 4.61
C LEU A 169 -15.12 2.00 5.87
N SER A 170 -14.32 1.65 6.86
CA SER A 170 -14.28 2.32 8.18
C SER A 170 -13.52 3.64 8.02
N ASP A 171 -13.56 4.51 9.02
CA ASP A 171 -12.77 5.78 9.01
C ASP A 171 -11.27 5.45 8.84
N LEU A 172 -10.81 4.38 9.46
CA LEU A 172 -9.40 3.92 9.42
C LEU A 172 -9.07 3.41 8.01
N GLY A 173 -9.96 2.56 7.48
CA GLY A 173 -9.90 2.05 6.10
C GLY A 173 -9.83 3.18 5.09
N SER A 174 -10.64 4.25 5.25
CA SER A 174 -10.63 5.43 4.34
C SER A 174 -9.26 6.10 4.42
N ALA A 175 -8.78 6.36 5.63
CA ALA A 175 -7.48 7.03 5.89
C ALA A 175 -6.36 6.21 5.25
N PHE A 176 -6.40 4.89 5.40
CA PHE A 176 -5.38 3.97 4.88
C PHE A 176 -5.45 3.99 3.35
N SER A 177 -6.64 3.94 2.74
CA SER A 177 -6.82 3.95 1.25
C SER A 177 -6.16 5.19 0.67
N ILE A 178 -6.46 6.36 1.19
CA ILE A 178 -5.83 7.64 0.75
C ILE A 178 -4.32 7.57 0.97
N GLY A 179 -3.88 7.13 2.15
CA GLY A 179 -2.44 7.01 2.47
C GLY A 179 -1.69 6.12 1.49
N GLU A 180 -2.33 5.03 1.01
CA GLU A 180 -1.68 3.98 0.18
C GLU A 180 -1.38 4.56 -1.21
N SER A 181 -2.27 5.39 -1.75
CA SER A 181 -2.08 6.08 -3.05
C SER A 181 -0.99 7.16 -2.95
N ALA A 182 -0.93 7.90 -1.86
CA ALA A 182 0.16 8.84 -1.55
C ALA A 182 1.49 8.11 -1.48
N ALA A 183 1.52 6.94 -0.84
CA ALA A 183 2.75 6.16 -0.63
C ALA A 183 3.40 5.79 -1.96
N TYR A 184 2.67 5.18 -2.91
CA TYR A 184 3.33 4.68 -4.15
C TYR A 184 3.88 5.86 -4.95
N ILE A 185 3.20 7.00 -4.94
CA ILE A 185 3.75 8.25 -5.55
C ILE A 185 4.98 8.70 -4.78
N GLY A 186 4.89 8.81 -3.46
CA GLY A 186 5.84 9.59 -2.68
C GLY A 186 7.10 8.81 -2.32
N ILE A 187 6.99 7.52 -2.08
CA ILE A 187 8.10 6.66 -1.57
C ILE A 187 8.82 6.05 -2.79
N LEU A 188 8.07 5.65 -3.81
CA LEU A 188 8.65 5.01 -5.02
C LEU A 188 9.14 6.09 -6.00
N GLY A 189 8.51 7.28 -6.03
CA GLY A 189 8.78 8.32 -7.04
C GLY A 189 9.37 9.57 -6.42
N ASP A 190 9.16 10.73 -7.03
CA ASP A 190 9.65 12.04 -6.53
C ASP A 190 8.53 12.68 -5.70
N LYS A 191 8.71 12.81 -4.39
CA LYS A 191 7.64 13.35 -3.50
C LYS A 191 7.44 14.85 -3.73
N LYS A 192 8.40 15.54 -4.35
CA LYS A 192 8.41 17.03 -4.52
C LYS A 192 7.50 17.40 -5.70
N SER A 193 7.76 16.84 -6.88
CA SER A 193 6.88 16.93 -8.08
C SER A 193 5.60 16.09 -7.87
N ALA A 194 5.56 15.21 -6.87
CA ALA A 194 4.48 14.24 -6.59
C ALA A 194 4.16 13.41 -7.86
N THR A 195 5.18 12.80 -8.47
CA THR A 195 5.06 11.98 -9.70
C THR A 195 5.91 10.72 -9.57
N VAL A 196 5.63 9.69 -10.37
CA VAL A 196 6.36 8.41 -10.36
C VAL A 196 6.14 7.77 -11.73
N PRO A 197 7.18 7.22 -12.38
CA PRO A 197 7.01 6.50 -13.64
C PRO A 197 6.06 5.31 -13.51
N LYS A 198 5.09 5.19 -14.41
CA LYS A 198 4.05 4.14 -14.39
C LYS A 198 4.73 2.77 -14.38
N SER A 199 5.81 2.59 -15.11
CA SER A 199 6.45 1.26 -15.30
C SER A 199 7.05 0.79 -13.95
N TRP A 200 7.44 1.70 -13.06
CA TRP A 200 8.01 1.35 -11.74
C TRP A 200 6.90 0.77 -10.86
N VAL A 201 5.72 1.42 -10.88
CA VAL A 201 4.60 1.02 -9.99
C VAL A 201 4.06 -0.34 -10.47
N GLU A 202 3.87 -0.48 -11.78
CA GLU A 202 3.36 -1.72 -12.41
C GLU A 202 4.28 -2.89 -12.02
N TYR A 203 5.58 -2.67 -12.00
CA TYR A 203 6.60 -3.71 -11.77
C TYR A 203 6.51 -4.15 -10.31
N LEU A 204 6.41 -3.19 -9.38
CA LEU A 204 6.34 -3.53 -7.95
C LEU A 204 5.10 -4.38 -7.69
N PHE A 205 3.93 -3.96 -8.15
CA PHE A 205 2.66 -4.70 -7.92
C PHE A 205 2.72 -6.09 -8.58
N GLU A 206 3.21 -6.19 -9.82
CA GLU A 206 3.20 -7.44 -10.63
C GLU A 206 4.28 -8.43 -10.17
N ASN A 207 5.45 -7.99 -9.72
CA ASN A 207 6.61 -8.87 -9.39
C ASN A 207 6.88 -8.90 -7.89
N GLU A 208 6.35 -7.95 -7.12
CA GLU A 208 6.80 -7.71 -5.71
C GLU A 208 8.33 -7.83 -5.65
N ARG A 209 9.00 -7.13 -6.57
CA ARG A 209 10.44 -6.80 -6.56
C ARG A 209 10.56 -5.29 -6.75
N LEU A 210 11.60 -4.68 -6.17
CA LEU A 210 11.91 -3.25 -6.36
C LEU A 210 12.45 -3.06 -7.77
N PRO A 211 11.92 -2.05 -8.50
CA PRO A 211 12.31 -1.83 -9.89
C PRO A 211 13.68 -1.13 -10.06
N TYR A 212 14.74 -1.65 -9.43
CA TYR A 212 16.07 -1.00 -9.50
C TYR A 212 16.50 -0.86 -10.97
N GLU A 213 16.24 -1.90 -11.77
CA GLU A 213 16.68 -2.04 -13.18
C GLU A 213 16.01 -0.97 -14.04
N LEU A 214 14.83 -0.51 -13.66
CA LEU A 214 14.09 0.50 -14.46
C LEU A 214 14.49 1.90 -14.02
N GLY A 215 15.37 2.08 -13.04
CA GLY A 215 15.88 3.40 -12.63
C GLY A 215 15.54 3.76 -11.19
N PHE A 216 14.75 2.96 -10.50
CA PHE A 216 14.48 3.17 -9.05
C PHE A 216 15.77 3.13 -8.23
N LYS A 217 15.94 4.19 -7.44
CA LYS A 217 17.06 4.43 -6.50
C LYS A 217 16.45 4.81 -5.15
N ARG A 218 16.99 4.25 -4.07
CA ARG A 218 16.61 4.65 -2.69
C ARG A 218 16.78 6.15 -2.54
N PRO A 219 15.74 6.94 -2.17
CA PRO A 219 15.92 8.40 -2.03
C PRO A 219 16.90 8.86 -0.95
N ASN A 220 17.62 9.95 -1.22
CA ASN A 220 18.61 10.53 -0.26
C ASN A 220 17.92 11.19 0.92
N ASP A 221 16.69 11.67 0.75
CA ASP A 221 15.99 12.49 1.77
C ASP A 221 15.01 11.58 2.51
N PRO A 222 14.91 11.58 3.86
CA PRO A 222 13.92 10.73 4.52
C PRO A 222 12.46 11.08 4.20
N PHE A 223 11.60 10.08 4.19
CA PHE A 223 10.14 10.20 4.03
C PHE A 223 9.48 10.15 5.40
N THR A 224 8.75 11.23 5.74
CA THR A 224 8.24 11.53 7.10
C THR A 224 6.71 11.45 7.10
N THR A 225 6.16 11.48 8.32
CA THR A 225 4.70 11.57 8.59
C THR A 225 4.13 12.83 7.90
N ASP A 226 4.86 13.94 7.84
CA ASP A 226 4.36 15.21 7.25
C ASP A 226 4.39 15.14 5.72
N ASP A 227 5.36 14.42 5.14
CA ASP A 227 5.35 14.11 3.68
C ASP A 227 4.09 13.29 3.37
N LEU A 228 3.78 12.30 4.19
CA LEU A 228 2.59 11.45 3.96
C LEU A 228 1.31 12.27 4.08
N GLY A 229 1.21 13.14 5.08
CA GLY A 229 0.03 13.99 5.33
C GLY A 229 -0.19 14.93 4.16
N ASP A 230 0.86 15.62 3.74
CA ASP A 230 0.82 16.57 2.60
C ASP A 230 0.32 15.85 1.33
N LEU A 231 0.87 14.69 0.99
CA LEU A 231 0.48 14.01 -0.28
C LEU A 231 -0.96 13.53 -0.17
N SER A 232 -1.38 13.08 1.02
CA SER A 232 -2.78 12.71 1.28
C SER A 232 -3.72 13.90 1.02
N THR A 233 -3.29 15.11 1.33
CA THR A 233 -4.08 16.34 1.12
C THR A 233 -4.18 16.57 -0.39
N GLN A 234 -3.09 16.39 -1.11
CA GLN A 234 -3.12 16.56 -2.58
C GLN A 234 -4.06 15.53 -3.21
N ILE A 235 -4.08 14.29 -2.72
CA ILE A 235 -5.02 13.27 -3.27
C ILE A 235 -6.45 13.79 -3.06
N ILE A 236 -6.84 14.12 -1.83
CA ILE A 236 -8.21 14.62 -1.52
C ILE A 236 -8.54 15.81 -2.45
N ASN A 237 -7.65 16.80 -2.57
CA ASN A 237 -7.91 18.06 -3.31
C ASN A 237 -8.11 17.75 -4.80
N ALA A 238 -7.65 16.62 -5.32
CA ALA A 238 -7.74 16.31 -6.76
C ALA A 238 -9.01 15.50 -7.07
N GLN A 239 -9.84 15.20 -6.05
CA GLN A 239 -11.20 14.61 -6.20
C GLN A 239 -12.24 15.69 -6.50
N HIS A 240 -13.00 15.61 -7.59
CA HIS A 240 -14.03 16.65 -7.91
C HIS A 240 -15.38 16.03 -8.16
N PHE A 241 -16.00 15.45 -7.15
CA PHE A 241 -17.39 14.99 -7.24
C PHE A 241 -18.33 16.19 -7.18
N PRO A 242 -19.38 16.29 -8.04
CA PRO A 242 -20.45 17.29 -7.82
C PRO A 242 -21.17 17.02 -6.48
N GLN A 243 -21.17 15.74 -6.06
CA GLN A 243 -21.76 15.26 -4.78
C GLN A 243 -21.05 13.94 -4.40
N SER A 244 -20.44 13.85 -3.22
CA SER A 244 -19.68 12.66 -2.75
C SER A 244 -20.60 11.47 -2.49
N PRO A 245 -20.44 10.36 -3.23
CA PRO A 245 -21.14 9.11 -2.93
C PRO A 245 -20.36 8.30 -1.89
N GLY A 246 -20.74 8.37 -0.61
CA GLY A 246 -20.13 7.58 0.47
C GLY A 246 -18.77 8.10 0.92
N LYS A 247 -17.94 7.20 1.48
CA LYS A 247 -16.70 7.53 2.22
C LYS A 247 -15.51 7.66 1.26
N VAL A 248 -15.31 8.88 0.78
CA VAL A 248 -14.34 9.18 -0.31
C VAL A 248 -13.28 10.15 0.20
N GLU A 249 -13.34 10.61 1.45
CA GLU A 249 -12.36 11.63 1.91
C GLU A 249 -12.09 11.58 3.43
N LYS A 250 -12.61 10.58 4.15
CA LYS A 250 -12.40 10.47 5.62
C LYS A 250 -10.92 10.13 5.94
N ARG A 251 -10.37 10.78 6.98
CA ARG A 251 -8.98 10.63 7.48
C ARG A 251 -8.98 10.58 9.02
#